data_6TTX
#
_entry.id   6TTX
#
_cell.length_a   64.210
_cell.length_b   64.210
_cell.length_c   226.380
_cell.angle_alpha   90.000
_cell.angle_beta   90.000
_cell.angle_gamma   120.000
#
_symmetry.space_group_name_H-M   'P 32 2 1'
#
loop_
_entity.id
_entity.type
_entity.pdbx_description
1 polymer 'N6-adenosine-methyltransferase catalytic subunit'
2 polymer 'N6-adenosine-methyltransferase non-catalytic subunit'
3 non-polymer (2~{S},3~{S},4~{R},5~{R})-5-(6-aminopurin-9-yl)-3,4-bis(oxidanyl)-~{N}-(piperidin-4-ylmethyl)oxolane-2-carboxamide
4 non-polymer 'ACETATE ION'
5 water water
#
loop_
_entity_poly.entity_id
_entity_poly.type
_entity_poly.pdbx_seq_one_letter_code
_entity_poly.pdbx_strand_id
1 'polypeptide(L)'
;MSDTWSSIQAHKKQLDSLRERLQRRRKQDSGHLDLRNPEAALSPTFRSDSPVPTAPTSGGPKPSTASAVPELATDPELEK
KLLHHLSDLALTLPTDAVSICLAISTPDAPATQDGVESLLQKFAAQELIEVKRGLLQDDAHPTLVTYADHSKLSAMMGAV
AEKKGPGEVAGTVTGQKRRAEQDSTTVAAFASSLVSGLNSSASEPAKEPAKKSRKHAASDVDLEIESLLNQQSTKEQQSK
KVSQEILELLNTTTAKEQSIVEKFRSRGRAQVQEFCDYGTKEECMKASDADRPCRKLHFRRIINKHTDESLGDCSFLNTC
FHMDTCKYVHYEIDACMDSEAPGSKDHTPSQELALTQSVGGDSSADRLFPPQWICCDIRYLDVSILGKFAVVMADPPWDI
HMELPYGTLTDDEMRRLNIPVLQDDGFLFLWVTGRAMELGRECLNLWGYERVDEIIWVKTNQLQRIIRTGRTGHWLNHGK
EHCLVGVKGNPQGFNQGLDCDVIVAEVRSTSHKPDEIYGMIERLSPGTRKIELFGRPHNVQPNWITLGNQLDGIHLLDPD
VVARFKQRYPDGIISKPKNL
;
A
2 'polypeptide(L)'
;MDSRLQEIRERQKLRRQLLAQQLGAESADSIGAVLNSKDEQREIAETRETCRASYDTSAPNAKRKYLDEGETDEDKMEEY
KDELEMQQDEENLPYEEEIYKDSSTFLKGTQSLNPHNDYCQHFVDTGHRPQNFIRDVGLADRFEEYPKLRELIRLKDELI
AKSNTPPMYLQADIEAFDIRELTPKFDVILLEPPLEEYYRETGITANEKCWTWDDIMKLEIDEIAAPRSFIFLWCGSGEG
LDLGRVCLRKWGYRRCEDICWIKTNKNNPGKTKTLDPKAVFQRTKEHCLMGIKGTVKRSTDGDFIHANVDIDLIITEEPE
IGNIEKPVEIFHIIEHFCLGRRRLHLFGRDSTIRPGWLTVGPTLTNSNYNAETYASYFSAPNSYLTGCTEEIERLRPKSP
PPKSKSDRGGGAPRGGGRGGTSAGRGRERNRSNFRGERGGFRGGRGGAHRGGFPPR
;
B
#
# COMPACT_ATOMS: atom_id res chain seq x y z
N LEU A 368 23.64 -13.93 -21.06
CA LEU A 368 24.29 -12.92 -21.89
C LEU A 368 23.82 -11.52 -21.51
N PHE A 369 24.66 -10.84 -20.75
CA PHE A 369 24.43 -9.58 -20.04
C PHE A 369 23.67 -8.48 -20.80
N PRO A 370 23.91 -8.22 -22.09
CA PRO A 370 23.27 -7.02 -22.72
C PRO A 370 21.77 -7.19 -22.89
N PRO A 371 21.02 -6.09 -23.10
CA PRO A 371 19.56 -6.17 -23.15
C PRO A 371 19.03 -7.14 -24.20
N GLN A 372 17.95 -7.85 -23.85
CA GLN A 372 17.30 -8.76 -24.77
C GLN A 372 15.80 -8.55 -24.70
N TRP A 373 15.10 -8.83 -25.80
CA TRP A 373 13.67 -8.62 -25.76
C TRP A 373 12.97 -9.49 -26.79
N ILE A 374 11.65 -9.59 -26.62
CA ILE A 374 10.79 -10.39 -27.48
C ILE A 374 9.49 -9.63 -27.63
N CYS A 375 9.21 -9.16 -28.84
CA CYS A 375 7.88 -8.64 -29.12
C CYS A 375 6.92 -9.82 -29.17
N CYS A 376 5.93 -9.83 -28.31
CA CYS A 376 5.00 -10.94 -28.31
C CYS A 376 3.69 -10.52 -27.65
N ASP A 377 2.69 -11.40 -27.78
CA ASP A 377 1.54 -11.38 -26.90
C ASP A 377 1.87 -12.27 -25.71
N ILE A 378 1.89 -11.67 -24.52
CA ILE A 378 2.37 -12.41 -23.36
C ILE A 378 1.38 -13.52 -23.01
N ARG A 379 0.11 -13.38 -23.40
CA ARG A 379 -0.86 -14.44 -23.19
C ARG A 379 -0.47 -15.73 -23.91
N TYR A 380 0.20 -15.62 -25.06
CA TYR A 380 0.39 -16.78 -25.92
C TYR A 380 1.83 -17.26 -26.03
N LEU A 381 2.82 -16.45 -25.65
CA LEU A 381 4.20 -16.92 -25.70
C LEU A 381 4.40 -18.12 -24.78
N ASP A 382 5.15 -19.11 -25.27
CA ASP A 382 5.53 -20.24 -24.42
C ASP A 382 6.75 -19.81 -23.60
N VAL A 383 6.52 -19.37 -22.36
CA VAL A 383 7.61 -18.79 -21.58
C VAL A 383 8.54 -19.82 -20.99
N SER A 384 8.21 -21.12 -21.10
CA SER A 384 9.13 -22.15 -20.62
C SER A 384 10.45 -22.16 -21.35
N ILE A 385 10.52 -21.59 -22.56
CA ILE A 385 11.80 -21.53 -23.27
C ILE A 385 12.79 -20.54 -22.65
N LEU A 386 12.32 -19.68 -21.74
CA LEU A 386 13.15 -18.59 -21.26
C LEU A 386 14.01 -18.98 -20.07
N GLY A 387 13.74 -20.10 -19.43
CA GLY A 387 14.51 -20.49 -18.27
C GLY A 387 14.00 -19.84 -16.99
N LYS A 388 14.86 -19.84 -15.97
CA LYS A 388 14.50 -19.40 -14.63
C LYS A 388 15.21 -18.10 -14.28
N PHE A 389 14.54 -17.29 -13.46
CA PHE A 389 14.97 -15.92 -13.24
C PHE A 389 15.00 -15.61 -11.74
N ALA A 390 16.00 -14.82 -11.34
CA ALA A 390 16.04 -14.35 -9.96
C ALA A 390 14.97 -13.32 -9.66
N VAL A 391 14.63 -12.49 -10.63
CA VAL A 391 13.65 -11.44 -10.40
C VAL A 391 12.70 -11.40 -11.59
N VAL A 392 11.40 -11.34 -11.29
CA VAL A 392 10.35 -11.06 -12.26
C VAL A 392 9.75 -9.70 -11.94
N MET A 393 9.57 -8.87 -12.96
CA MET A 393 8.85 -7.61 -12.76
C MET A 393 7.77 -7.46 -13.81
N ALA A 394 6.61 -6.91 -13.40
CA ALA A 394 5.52 -6.70 -14.32
C ALA A 394 4.78 -5.42 -13.98
N ASP A 395 4.38 -4.70 -15.03
CA ASP A 395 3.52 -3.52 -14.94
C ASP A 395 2.34 -3.79 -15.86
N PRO A 396 1.36 -4.59 -15.41
CA PRO A 396 0.38 -5.19 -16.33
C PRO A 396 -0.74 -4.21 -16.66
N PRO A 397 -1.42 -4.41 -17.79
CA PRO A 397 -2.63 -3.62 -18.11
C PRO A 397 -3.86 -4.17 -17.38
N TRP A 398 -3.92 -3.94 -16.07
CA TRP A 398 -5.05 -4.41 -15.28
C TRP A 398 -6.35 -3.82 -15.82
N ASP A 399 -7.44 -4.57 -15.64
CA ASP A 399 -8.75 -4.14 -16.11
C ASP A 399 -9.41 -3.31 -15.01
N ILE A 400 -8.95 -2.09 -14.88
CA ILE A 400 -9.47 -1.15 -13.90
C ILE A 400 -10.55 -0.33 -14.59
N GLY A 407 -6.35 -0.97 -23.90
CA GLY A 407 -6.08 -2.37 -24.19
C GLY A 407 -5.57 -3.20 -23.01
N THR A 408 -6.48 -3.90 -22.34
CA THR A 408 -6.22 -4.53 -21.05
C THR A 408 -6.36 -6.05 -21.12
N LEU A 409 -5.99 -6.69 -20.02
CA LEU A 409 -6.14 -8.12 -19.81
C LEU A 409 -7.23 -8.34 -18.78
N THR A 410 -8.14 -9.27 -19.05
CA THR A 410 -9.16 -9.57 -18.06
C THR A 410 -8.53 -10.19 -16.81
N ASP A 411 -9.30 -10.17 -15.73
CA ASP A 411 -8.84 -10.80 -14.48
C ASP A 411 -8.46 -12.26 -14.70
N ASP A 412 -9.24 -12.99 -15.51
CA ASP A 412 -8.91 -14.38 -15.78
C ASP A 412 -7.63 -14.51 -16.56
N GLU A 413 -7.44 -13.69 -17.60
CA GLU A 413 -6.17 -13.72 -18.34
C GLU A 413 -4.98 -13.44 -17.43
N MET A 414 -5.10 -12.46 -16.54
CA MET A 414 -4.02 -12.17 -15.60
C MET A 414 -3.76 -13.38 -14.71
N ARG A 415 -4.81 -14.00 -14.19
CA ARG A 415 -4.64 -15.19 -13.35
C ARG A 415 -3.94 -16.30 -14.13
N ARG A 416 -4.26 -16.44 -15.41
CA ARG A 416 -3.76 -17.56 -16.18
C ARG A 416 -2.33 -17.37 -16.69
N LEU A 417 -1.70 -16.21 -16.51
CA LEU A 417 -0.33 -16.03 -17.01
C LEU A 417 0.58 -17.08 -16.38
N ASN A 418 1.48 -17.64 -17.18
CA ASN A 418 2.31 -18.73 -16.67
C ASN A 418 3.51 -18.20 -15.88
N ILE A 419 3.22 -17.32 -14.92
CA ILE A 419 4.27 -16.85 -13.99
C ILE A 419 4.95 -17.99 -13.25
N PRO A 420 4.26 -19.04 -12.79
CA PRO A 420 4.93 -20.06 -11.96
C PRO A 420 6.14 -20.72 -12.61
N VAL A 421 6.19 -20.86 -13.94
CA VAL A 421 7.34 -21.49 -14.58
C VAL A 421 8.56 -20.59 -14.62
N LEU A 422 8.41 -19.29 -14.33
CA LEU A 422 9.51 -18.34 -14.50
C LEU A 422 10.54 -18.39 -13.38
N GLN A 423 10.21 -18.89 -12.19
CA GLN A 423 11.14 -18.86 -11.07
C GLN A 423 11.05 -20.14 -10.25
N ASP A 424 12.15 -20.50 -9.61
CA ASP A 424 12.12 -21.42 -8.48
C ASP A 424 12.28 -20.67 -7.17
N ASP A 425 13.27 -19.80 -7.09
CA ASP A 425 13.57 -19.07 -5.86
C ASP A 425 13.90 -17.64 -6.25
N GLY A 426 13.07 -16.71 -5.82
CA GLY A 426 13.36 -15.31 -6.10
C GLY A 426 12.17 -14.43 -5.80
N PHE A 427 12.23 -13.23 -6.36
CA PHE A 427 11.32 -12.15 -6.02
C PHE A 427 10.53 -11.71 -7.24
N LEU A 428 9.30 -11.26 -6.97
CA LEU A 428 8.40 -10.72 -7.96
C LEU A 428 8.06 -9.29 -7.58
N PHE A 429 8.15 -8.38 -8.54
CA PHE A 429 7.79 -6.98 -8.38
C PHE A 429 6.59 -6.72 -9.27
N LEU A 430 5.46 -6.34 -8.65
CA LEU A 430 4.18 -6.26 -9.37
C LEU A 430 3.49 -4.92 -9.13
N TRP A 431 3.47 -4.07 -10.15
CA TRP A 431 2.83 -2.77 -10.03
C TRP A 431 1.32 -2.93 -10.01
N VAL A 432 0.66 -2.16 -9.13
CA VAL A 432 -0.78 -2.25 -8.90
C VAL A 432 -1.33 -0.85 -8.68
N THR A 433 -2.60 -0.67 -9.05
CA THR A 433 -3.33 0.56 -8.79
C THR A 433 -4.80 0.19 -8.66
N GLY A 434 -5.57 1.05 -7.97
CA GLY A 434 -7.02 0.84 -7.84
C GLY A 434 -7.36 -0.56 -7.36
N ARG A 435 -8.31 -1.21 -8.03
CA ARG A 435 -8.75 -2.53 -7.61
C ARG A 435 -7.67 -3.59 -7.82
N ALA A 436 -6.64 -3.31 -8.61
CA ALA A 436 -5.53 -4.25 -8.74
C ALA A 436 -4.69 -4.33 -7.48
N MET A 437 -4.82 -3.37 -6.56
CA MET A 437 -4.19 -3.55 -5.26
C MET A 437 -4.67 -4.85 -4.62
N GLU A 438 -5.93 -5.20 -4.84
CA GLU A 438 -6.47 -6.44 -4.31
C GLU A 438 -6.27 -7.60 -5.28
N LEU A 439 -6.61 -7.39 -6.55
CA LEU A 439 -6.46 -8.44 -7.56
C LEU A 439 -5.00 -8.85 -7.71
N GLY A 440 -4.09 -7.87 -7.65
CA GLY A 440 -2.67 -8.17 -7.74
C GLY A 440 -2.20 -9.06 -6.61
N ARG A 441 -2.74 -8.83 -5.40
CA ARG A 441 -2.47 -9.75 -4.28
C ARG A 441 -3.02 -11.15 -4.56
N GLU A 442 -4.21 -11.23 -5.15
CA GLU A 442 -4.77 -12.54 -5.50
C GLU A 442 -3.84 -13.28 -6.48
N CYS A 443 -3.46 -12.60 -7.57
CA CYS A 443 -2.57 -13.17 -8.57
C CYS A 443 -1.26 -13.62 -7.95
N LEU A 444 -0.62 -12.72 -7.23
CA LEU A 444 0.63 -13.03 -6.55
C LEU A 444 0.51 -14.31 -5.74
N ASN A 445 -0.55 -14.43 -4.93
CA ASN A 445 -0.74 -15.64 -4.15
C ASN A 445 -1.02 -16.84 -5.04
N LEU A 446 -1.92 -16.70 -6.01
CA LEU A 446 -2.22 -17.80 -6.91
CA LEU A 446 -2.22 -17.79 -6.92
C LEU A 446 -0.96 -18.30 -7.60
N TRP A 447 -0.08 -17.37 -8.01
CA TRP A 447 1.13 -17.80 -8.71
C TRP A 447 2.16 -18.43 -7.79
N GLY A 448 1.94 -18.51 -6.47
CA GLY A 448 2.89 -19.11 -5.56
C GLY A 448 3.79 -18.17 -4.77
N TYR A 449 3.46 -16.89 -4.67
CA TYR A 449 4.29 -15.95 -3.93
C TYR A 449 3.60 -15.55 -2.63
N GLU A 450 4.41 -15.18 -1.65
CA GLU A 450 3.95 -14.47 -0.46
C GLU A 450 4.38 -13.00 -0.58
N ARG A 451 3.44 -12.07 -0.37
CA ARG A 451 3.81 -10.65 -0.42
C ARG A 451 4.62 -10.31 0.83
N VAL A 452 5.84 -9.81 0.65
CA VAL A 452 6.72 -9.52 1.77
C VAL A 452 7.17 -8.06 1.82
N ASP A 453 6.83 -7.24 0.83
CA ASP A 453 7.15 -5.83 0.90
C ASP A 453 6.22 -5.09 -0.06
N GLU A 454 6.23 -3.76 0.06
CA GLU A 454 5.40 -2.95 -0.83
C GLU A 454 6.12 -1.63 -1.04
N ILE A 455 6.62 -1.43 -2.25
CA ILE A 455 7.33 -0.20 -2.57
C ILE A 455 6.31 0.83 -2.97
N ILE A 456 6.52 2.07 -2.54
CA ILE A 456 5.72 3.21 -2.97
CA ILE A 456 5.70 3.14 -3.08
C ILE A 456 6.62 4.13 -3.78
N TRP A 457 6.15 4.56 -4.95
CA TRP A 457 6.84 5.57 -5.73
C TRP A 457 6.09 6.89 -5.53
N VAL A 458 6.70 7.82 -4.80
CA VAL A 458 6.15 9.17 -4.66
C VAL A 458 6.50 9.97 -5.90
N LYS A 459 5.48 10.46 -6.60
CA LYS A 459 5.67 11.14 -7.88
C LYS A 459 5.92 12.62 -7.65
N THR A 460 7.01 13.14 -8.20
CA THR A 460 7.39 14.54 -8.08
C THR A 460 7.59 15.16 -9.46
N ASN A 461 7.71 16.49 -9.48
CA ASN A 461 8.14 17.24 -10.66
C ASN A 461 9.65 17.50 -10.58
N GLN A 462 10.15 18.32 -11.51
CA GLN A 462 11.59 18.57 -11.59
C GLN A 462 12.11 19.32 -10.37
N LEU A 463 11.24 19.96 -9.60
CA LEU A 463 11.62 20.64 -8.36
C LEU A 463 11.20 19.85 -7.11
N GLN A 464 10.94 18.55 -7.27
CA GLN A 464 10.71 17.62 -6.15
C GLN A 464 9.49 18.00 -5.29
N ARG A 465 8.46 18.53 -5.94
CA ARG A 465 7.15 18.68 -5.30
C ARG A 465 6.22 17.58 -5.78
N ILE A 466 5.34 17.12 -4.90
CA ILE A 466 4.42 16.05 -5.24
C ILE A 466 3.37 16.57 -6.22
N ILE A 467 3.18 15.85 -7.31
CA ILE A 467 2.11 16.17 -8.27
C ILE A 467 0.73 16.14 -7.59
N HIS A 474 -10.39 8.89 -6.04
CA HIS A 474 -11.69 9.58 -6.07
C HIS A 474 -11.95 10.39 -4.79
N TRP A 475 -11.72 9.77 -3.63
CA TRP A 475 -11.85 10.50 -2.37
C TRP A 475 -10.65 11.41 -2.11
N LEU A 476 -9.47 10.96 -2.51
CA LEU A 476 -8.22 11.67 -2.28
C LEU A 476 -7.48 11.77 -3.60
N ASN A 477 -6.72 12.85 -3.75
CA ASN A 477 -5.74 12.89 -4.84
C ASN A 477 -4.64 11.87 -4.57
N HIS A 478 -4.11 11.30 -5.65
CA HIS A 478 -3.13 10.23 -5.55
C HIS A 478 -1.73 10.80 -5.79
N GLY A 479 -0.85 10.66 -4.82
CA GLY A 479 0.51 11.12 -4.95
C GLY A 479 1.53 10.01 -5.16
N LYS A 480 1.09 8.78 -5.43
CA LYS A 480 2.01 7.65 -5.37
C LYS A 480 1.46 6.51 -6.20
N GLU A 481 2.34 5.59 -6.56
CA GLU A 481 1.96 4.30 -7.12
C GLU A 481 2.65 3.20 -6.34
N HIS A 482 2.05 2.01 -6.36
CA HIS A 482 2.40 0.92 -5.48
C HIS A 482 3.01 -0.22 -6.28
N CYS A 483 4.05 -0.85 -5.72
CA CYS A 483 4.64 -2.04 -6.33
C CYS A 483 4.71 -3.13 -5.27
N LEU A 484 3.88 -4.17 -5.41
CA LEU A 484 3.96 -5.27 -4.47
C LEU A 484 5.23 -6.06 -4.70
N VAL A 485 5.80 -6.60 -3.62
CA VAL A 485 7.02 -7.38 -3.69
C VAL A 485 6.70 -8.76 -3.14
N GLY A 486 6.80 -9.79 -3.99
CA GLY A 486 6.51 -11.16 -3.62
C GLY A 486 7.77 -12.00 -3.55
N VAL A 487 7.77 -13.00 -2.67
CA VAL A 487 8.86 -13.96 -2.61
C VAL A 487 8.31 -15.36 -2.90
N LYS A 488 9.10 -16.13 -3.63
CA LYS A 488 8.81 -17.53 -3.94
C LYS A 488 10.01 -18.37 -3.55
N GLY A 489 9.74 -19.51 -2.90
CA GLY A 489 10.83 -20.40 -2.52
C GLY A 489 11.67 -19.78 -1.42
N ASN A 490 12.97 -20.05 -1.46
CA ASN A 490 13.89 -19.59 -0.44
C ASN A 490 15.12 -19.01 -1.13
N PRO A 491 15.05 -17.74 -1.53
CA PRO A 491 16.18 -17.13 -2.24
C PRO A 491 17.40 -17.01 -1.33
N GLN A 492 18.57 -17.32 -1.88
CA GLN A 492 19.82 -17.21 -1.14
C GLN A 492 20.77 -16.28 -1.88
N GLY A 493 21.53 -15.50 -1.12
CA GLY A 493 22.52 -14.62 -1.69
C GLY A 493 21.99 -13.29 -2.19
N PHE A 494 20.79 -12.91 -1.80
CA PHE A 494 20.31 -11.58 -2.13
C PHE A 494 20.73 -10.61 -1.04
N ASN A 495 20.77 -9.33 -1.39
CA ASN A 495 21.23 -8.27 -0.48
C ASN A 495 20.04 -7.50 0.06
N GLN A 496 19.33 -8.13 0.98
CA GLN A 496 18.11 -7.55 1.53
C GLN A 496 18.42 -6.41 2.47
N GLY A 497 17.65 -5.33 2.39
CA GLY A 497 17.79 -4.21 3.32
C GLY A 497 18.75 -3.11 2.93
N LEU A 498 19.29 -3.13 1.71
CA LEU A 498 20.15 -2.04 1.25
C LEU A 498 19.35 -0.80 0.88
N ASP A 499 18.23 -0.97 0.19
CA ASP A 499 17.35 0.14 -0.19
C ASP A 499 16.13 0.21 0.71
N CYS A 500 15.49 1.37 0.68
CA CYS A 500 14.23 1.45 1.39
CA CYS A 500 14.22 1.69 1.32
C CYS A 500 13.07 1.34 0.40
N ASP A 501 11.86 1.22 0.98
CA ASP A 501 10.65 0.95 0.23
C ASP A 501 9.94 2.21 -0.25
N VAL A 502 10.62 3.36 -0.29
CA VAL A 502 10.05 4.57 -0.85
C VAL A 502 10.94 5.04 -2.00
N ILE A 503 10.34 5.23 -3.17
CA ILE A 503 11.03 5.83 -4.31
C ILE A 503 10.49 7.24 -4.50
N VAL A 504 11.40 8.22 -4.59
CA VAL A 504 11.05 9.60 -4.91
C VAL A 504 11.70 9.92 -6.25
N ALA A 505 10.88 10.17 -7.27
CA ALA A 505 11.42 10.25 -8.61
C ALA A 505 10.41 10.92 -9.54
N GLU A 506 10.93 11.44 -10.64
CA GLU A 506 10.14 12.27 -11.55
C GLU A 506 9.20 11.42 -12.40
N VAL A 507 7.94 11.85 -12.47
CA VAL A 507 7.05 11.42 -13.54
C VAL A 507 7.65 11.97 -14.83
N ARG A 508 8.16 11.09 -15.68
CA ARG A 508 8.86 11.55 -16.88
C ARG A 508 7.90 11.53 -18.06
N SER A 509 7.48 10.33 -18.47
CA SER A 509 6.48 10.16 -19.51
C SER A 509 5.32 9.36 -18.93
N THR A 510 4.11 9.63 -19.44
CA THR A 510 2.94 8.89 -18.98
C THR A 510 3.10 7.42 -19.33
N SER A 511 2.72 6.54 -18.40
CA SER A 511 2.81 5.08 -18.41
C SER A 511 4.18 4.58 -17.95
N HIS A 512 5.16 5.46 -17.77
CA HIS A 512 6.54 5.07 -17.41
C HIS A 512 6.67 4.92 -15.91
N LYS A 513 7.24 3.79 -15.47
CA LYS A 513 7.71 3.65 -14.09
C LYS A 513 9.11 4.21 -13.95
N PRO A 514 9.57 4.52 -12.74
CA PRO A 514 10.89 5.13 -12.58
C PRO A 514 12.01 4.15 -12.86
N ASP A 515 13.10 4.64 -13.45
CA ASP A 515 14.23 3.76 -13.72
C ASP A 515 15.00 3.41 -12.46
N GLU A 516 14.74 4.13 -11.37
CA GLU A 516 15.36 3.79 -10.09
C GLU A 516 15.11 2.34 -9.67
N ILE A 517 13.97 1.75 -10.10
CA ILE A 517 13.68 0.38 -9.66
C ILE A 517 14.73 -0.60 -10.17
N TYR A 518 15.30 -0.35 -11.34
CA TYR A 518 16.32 -1.27 -11.88
C TYR A 518 17.58 -1.29 -11.00
N GLY A 519 17.96 -0.13 -10.47
CA GLY A 519 19.14 -0.11 -9.61
C GLY A 519 18.87 -0.74 -8.25
N MET A 520 17.68 -0.51 -7.69
CA MET A 520 17.31 -1.19 -6.46
C MET A 520 17.35 -2.70 -6.67
N ILE A 521 16.82 -3.17 -7.80
CA ILE A 521 16.80 -4.60 -8.06
C ILE A 521 18.21 -5.13 -8.33
N GLU A 522 19.05 -4.34 -8.98
CA GLU A 522 20.41 -4.79 -9.24
C GLU A 522 21.23 -4.87 -7.97
N ARG A 523 21.05 -3.93 -7.04
CA ARG A 523 21.77 -4.05 -5.78
C ARG A 523 21.24 -5.22 -4.97
N LEU A 524 19.94 -5.50 -5.08
CA LEU A 524 19.34 -6.61 -4.36
C LEU A 524 19.90 -7.94 -4.85
N SER A 525 20.12 -8.07 -6.16
CA SER A 525 20.48 -9.35 -6.76
C SER A 525 21.39 -9.06 -7.95
N PRO A 526 22.68 -8.75 -7.70
CA PRO A 526 23.56 -8.30 -8.79
C PRO A 526 23.93 -9.41 -9.75
N GLY A 527 23.88 -9.09 -11.06
CA GLY A 527 24.37 -9.98 -12.10
C GLY A 527 23.49 -11.15 -12.45
N THR A 528 22.37 -11.36 -11.75
CA THR A 528 21.48 -12.49 -12.02
C THR A 528 20.56 -12.14 -13.19
N ARG A 529 19.96 -13.18 -13.79
CA ARG A 529 19.05 -12.95 -14.92
C ARG A 529 17.68 -12.54 -14.41
N LYS A 530 17.07 -11.58 -15.10
CA LYS A 530 15.80 -11.01 -14.70
C LYS A 530 14.90 -10.90 -15.93
N ILE A 531 13.59 -10.86 -15.70
CA ILE A 531 12.65 -10.79 -16.79
C ILE A 531 11.56 -9.78 -16.46
N GLU A 532 11.27 -8.91 -17.41
CA GLU A 532 10.22 -7.91 -17.29
C GLU A 532 9.09 -8.24 -18.25
N LEU A 533 7.85 -8.19 -17.75
CA LEU A 533 6.66 -8.43 -18.55
C LEU A 533 5.95 -7.10 -18.81
N PHE A 534 5.43 -6.96 -20.03
CA PHE A 534 4.72 -5.75 -20.45
C PHE A 534 5.63 -4.54 -20.46
N GLY A 535 6.91 -4.73 -20.74
CA GLY A 535 7.82 -3.62 -20.87
C GLY A 535 7.75 -2.99 -22.24
N ARG A 536 8.29 -1.77 -22.34
CA ARG A 536 8.38 -1.04 -23.60
C ARG A 536 9.85 -0.83 -23.95
N PRO A 537 10.18 -0.33 -25.15
CA PRO A 537 11.60 -0.19 -25.53
C PRO A 537 12.46 0.48 -24.48
N HIS A 538 11.95 1.52 -23.84
CA HIS A 538 12.72 2.22 -22.81
C HIS A 538 13.06 1.32 -21.62
N ASN A 539 12.35 0.20 -21.45
CA ASN A 539 12.54 -0.67 -20.30
C ASN A 539 13.68 -1.66 -20.47
N VAL A 540 14.21 -1.85 -21.67
CA VAL A 540 15.22 -2.89 -21.85
C VAL A 540 16.48 -2.47 -21.10
N GLN A 541 17.16 -3.45 -20.51
CA GLN A 541 18.25 -3.20 -19.57
C GLN A 541 19.18 -4.39 -19.58
N PRO A 542 20.47 -4.18 -19.31
CA PRO A 542 21.38 -5.33 -19.17
C PRO A 542 20.87 -6.28 -18.09
N ASN A 543 21.12 -7.58 -18.30
CA ASN A 543 20.71 -8.66 -17.40
C ASN A 543 19.21 -8.95 -17.48
N TRP A 544 18.45 -8.15 -18.24
CA TRP A 544 17.02 -8.31 -18.34
C TRP A 544 16.61 -8.82 -19.72
N ILE A 545 15.64 -9.73 -19.73
CA ILE A 545 14.88 -10.06 -20.92
C ILE A 545 13.53 -9.36 -20.79
N THR A 546 13.16 -8.55 -21.79
CA THR A 546 11.93 -7.78 -21.75
C THR A 546 10.90 -8.35 -22.72
N LEU A 547 9.67 -8.53 -22.25
CA LEU A 547 8.57 -9.02 -23.09
C LEU A 547 7.49 -7.96 -23.14
N GLY A 548 6.88 -7.82 -24.31
CA GLY A 548 5.80 -6.87 -24.49
C GLY A 548 5.50 -6.70 -25.96
N ASN A 549 4.32 -6.15 -26.29
CA ASN A 549 3.88 -6.09 -27.69
C ASN A 549 4.20 -4.78 -28.37
N GLN A 550 4.77 -3.80 -27.67
CA GLN A 550 5.27 -2.59 -28.30
C GLN A 550 6.78 -2.61 -28.48
N LEU A 551 7.43 -3.73 -28.22
CA LEU A 551 8.83 -3.89 -28.55
C LEU A 551 9.01 -4.19 -30.03
N ASP A 552 10.23 -3.96 -30.50
CA ASP A 552 10.55 -4.03 -31.92
C ASP A 552 11.24 -5.36 -32.20
N GLY A 553 10.48 -6.34 -32.69
CA GLY A 553 11.07 -7.60 -33.11
C GLY A 553 11.54 -8.47 -31.96
N ILE A 554 12.55 -9.30 -32.25
CA ILE A 554 13.12 -10.25 -31.30
C ILE A 554 14.63 -10.03 -31.28
N HIS A 555 15.20 -9.90 -30.08
CA HIS A 555 16.64 -9.71 -29.93
C HIS A 555 17.11 -10.56 -28.75
N LEU A 556 17.63 -11.75 -29.06
CA LEU A 556 18.06 -12.73 -28.07
C LEU A 556 19.54 -13.03 -28.24
N LEU A 557 20.26 -13.13 -27.12
CA LEU A 557 21.71 -13.27 -27.18
C LEU A 557 22.21 -14.41 -26.32
N ASP A 558 21.43 -14.77 -25.30
CA ASP A 558 21.75 -15.90 -24.45
C ASP A 558 21.65 -17.18 -25.27
N PRO A 559 22.74 -17.96 -25.40
CA PRO A 559 22.68 -19.14 -26.28
C PRO A 559 21.65 -20.16 -25.86
N ASP A 560 21.51 -20.44 -24.55
CA ASP A 560 20.46 -21.36 -24.10
C ASP A 560 19.09 -20.92 -24.59
N VAL A 561 18.77 -19.64 -24.40
CA VAL A 561 17.49 -19.09 -24.83
C VAL A 561 17.35 -19.16 -26.35
N VAL A 562 18.41 -18.80 -27.07
CA VAL A 562 18.34 -18.84 -28.54
C VAL A 562 18.02 -20.25 -29.03
N ALA A 563 18.76 -21.24 -28.52
CA ALA A 563 18.47 -22.64 -28.86
C ALA A 563 17.01 -22.99 -28.59
N ARG A 564 16.54 -22.76 -27.36
CA ARG A 564 15.17 -23.18 -27.04
C ARG A 564 14.14 -22.40 -27.83
N PHE A 565 14.41 -21.14 -28.15
CA PHE A 565 13.48 -20.40 -29.01
C PHE A 565 13.43 -20.98 -30.42
N LYS A 566 14.59 -21.36 -30.99
CA LYS A 566 14.60 -21.94 -32.33
C LYS A 566 13.80 -23.25 -32.39
N GLN A 567 14.02 -24.16 -31.43
CA GLN A 567 13.31 -25.43 -31.45
C GLN A 567 11.80 -25.23 -31.29
N ARG A 568 11.39 -24.37 -30.36
CA ARG A 568 9.96 -24.17 -30.13
C ARG A 568 9.32 -23.31 -31.21
N TYR A 569 10.07 -22.39 -31.81
CA TYR A 569 9.55 -21.49 -32.83
C TYR A 569 10.43 -21.50 -34.08
N PRO A 570 10.55 -22.66 -34.74
CA PRO A 570 11.46 -22.74 -35.90
C PRO A 570 11.16 -21.73 -36.99
N ASP A 571 9.89 -21.35 -37.16
CA ASP A 571 9.50 -20.35 -38.14
C ASP A 571 9.34 -18.95 -37.55
N GLY A 572 9.75 -18.74 -36.31
CA GLY A 572 9.80 -17.41 -35.73
C GLY A 572 8.46 -16.76 -35.43
N ILE A 573 7.35 -17.47 -35.54
CA ILE A 573 6.02 -16.90 -35.33
C ILE A 573 5.42 -17.49 -34.06
N ILE A 574 4.69 -16.66 -33.32
CA ILE A 574 4.25 -16.99 -31.97
C ILE A 574 2.73 -16.84 -31.89
N SER A 575 2.01 -17.96 -31.98
CA SER A 575 0.58 -17.99 -32.22
C SER A 575 -0.15 -18.69 -31.07
N LYS A 576 -1.48 -18.58 -31.11
CA LYS A 576 -2.38 -19.38 -30.26
C LYS A 576 -1.97 -19.43 -28.79
N ASN B 117 19.01 13.00 -10.54
CA ASN B 117 19.44 12.48 -9.23
C ASN B 117 18.71 11.19 -8.86
N ASP B 118 19.47 10.19 -8.43
CA ASP B 118 18.92 8.90 -7.98
C ASP B 118 18.92 8.91 -6.46
N TYR B 119 17.74 9.19 -5.86
CA TYR B 119 17.70 9.23 -4.40
C TYR B 119 17.79 7.86 -3.76
N CYS B 120 17.44 6.79 -4.49
CA CYS B 120 17.67 5.44 -3.97
C CYS B 120 19.16 5.18 -3.80
N GLN B 121 19.94 5.42 -4.86
CA GLN B 121 21.40 5.39 -4.77
C GLN B 121 21.89 6.27 -3.63
N HIS B 122 21.38 7.51 -3.56
CA HIS B 122 21.77 8.40 -2.48
C HIS B 122 21.50 7.80 -1.11
N PHE B 123 20.34 7.16 -0.93
CA PHE B 123 20.08 6.54 0.37
C PHE B 123 21.11 5.46 0.67
N VAL B 124 21.47 4.68 -0.35
CA VAL B 124 22.46 3.63 -0.14
C VAL B 124 23.79 4.23 0.29
N ASP B 125 24.12 5.41 -0.25
CA ASP B 125 25.43 6.03 -0.05
C ASP B 125 25.52 6.79 1.28
N THR B 126 24.42 7.38 1.74
CA THR B 126 24.44 8.31 2.85
C THR B 126 23.51 7.96 4.00
N GLY B 127 22.50 7.11 3.81
CA GLY B 127 21.53 6.84 4.85
C GLY B 127 20.37 7.82 4.91
N HIS B 128 20.39 8.88 4.10
CA HIS B 128 19.24 9.78 3.99
C HIS B 128 18.18 9.16 3.09
N ARG B 129 16.99 8.92 3.64
CA ARG B 129 15.90 8.33 2.89
C ARG B 129 15.44 9.27 1.77
N PRO B 130 15.00 8.72 0.63
CA PRO B 130 14.58 9.59 -0.48
C PRO B 130 13.54 10.63 -0.08
N GLN B 131 12.61 10.26 0.80
CA GLN B 131 11.56 11.19 1.20
C GLN B 131 12.11 12.39 1.97
N ASN B 132 13.34 12.34 2.46
CA ASN B 132 13.94 13.53 3.06
C ASN B 132 13.98 14.70 2.08
N PHE B 133 13.98 14.43 0.77
CA PHE B 133 14.18 15.48 -0.23
C PHE B 133 12.90 15.90 -0.91
N ILE B 134 11.75 15.36 -0.51
CA ILE B 134 10.48 15.96 -0.96
C ILE B 134 10.37 17.37 -0.39
N ARG B 135 9.98 18.32 -1.23
CA ARG B 135 9.84 19.71 -0.81
C ARG B 135 8.37 20.06 -0.58
N ASP B 136 8.16 21.03 0.32
CA ASP B 136 6.81 21.52 0.67
C ASP B 136 5.92 20.41 1.21
N ILE B 153 -10.36 27.12 2.65
CA ILE B 153 -10.04 25.91 3.39
C ILE B 153 -10.12 26.15 4.89
N ARG B 154 -9.62 27.29 5.34
CA ARG B 154 -9.69 27.61 6.77
C ARG B 154 -11.13 27.75 7.21
N LEU B 155 -11.98 28.35 6.38
CA LEU B 155 -13.40 28.45 6.70
C LEU B 155 -14.02 27.07 6.85
N LYS B 156 -13.57 26.10 6.04
CA LYS B 156 -14.07 24.74 6.17
C LYS B 156 -13.67 24.12 7.52
N ASP B 157 -12.40 24.28 7.92
CA ASP B 157 -11.98 23.84 9.24
C ASP B 157 -12.83 24.49 10.33
N GLU B 158 -13.26 25.74 10.12
CA GLU B 158 -14.05 26.43 11.15
C GLU B 158 -15.43 25.81 11.27
N LEU B 159 -16.04 25.45 10.15
CA LEU B 159 -17.35 24.79 10.19
C LEU B 159 -17.25 23.45 10.91
N ILE B 160 -16.21 22.67 10.61
CA ILE B 160 -16.00 21.41 11.32
C ILE B 160 -15.88 21.65 12.82
N ALA B 161 -15.09 22.65 13.22
CA ALA B 161 -14.93 22.96 14.63
C ALA B 161 -16.25 23.37 15.27
N LYS B 162 -17.11 24.09 14.53
CA LYS B 162 -18.40 24.47 15.10
C LYS B 162 -19.35 23.28 15.21
N SER B 163 -19.34 22.39 14.23
CA SER B 163 -20.27 21.25 14.32
C SER B 163 -19.77 20.17 15.28
N ASN B 164 -18.50 20.21 15.70
CA ASN B 164 -17.96 19.10 16.48
C ASN B 164 -18.72 18.90 17.79
N THR B 165 -19.04 17.65 18.09
CA THR B 165 -19.55 17.30 19.41
C THR B 165 -18.46 17.52 20.46
N PRO B 166 -18.83 17.68 21.73
CA PRO B 166 -17.83 17.66 22.78
C PRO B 166 -17.03 16.38 22.74
N PRO B 167 -15.76 16.43 23.11
CA PRO B 167 -14.98 15.18 23.13
C PRO B 167 -15.60 14.21 24.12
N MET B 168 -15.72 12.95 23.73
CA MET B 168 -16.22 11.92 24.62
C MET B 168 -15.29 10.74 24.58
N TYR B 169 -15.18 10.05 25.70
CA TYR B 169 -14.11 9.07 25.82
C TYR B 169 -14.50 8.05 26.87
N LEU B 170 -13.95 6.85 26.71
CA LEU B 170 -14.34 5.73 27.56
C LEU B 170 -13.17 4.76 27.67
N GLN B 171 -12.75 4.51 28.90
CA GLN B 171 -11.81 3.43 29.17
C GLN B 171 -12.52 2.10 29.05
N ALA B 172 -11.94 1.19 28.27
CA ALA B 172 -12.55 -0.12 28.07
C ALA B 172 -11.46 -1.06 27.59
N ASP B 173 -11.41 -2.26 28.15
CA ASP B 173 -10.53 -3.30 27.66
C ASP B 173 -11.27 -3.98 26.51
N ILE B 174 -10.94 -3.58 25.28
CA ILE B 174 -11.65 -3.96 24.08
C ILE B 174 -11.63 -5.49 23.86
N GLU B 175 -10.66 -6.20 24.45
CA GLU B 175 -10.68 -7.66 24.37
C GLU B 175 -11.87 -8.27 25.12
N ALA B 176 -12.31 -7.62 26.20
CA ALA B 176 -13.32 -8.15 27.10
C ALA B 176 -14.60 -7.32 27.11
N PHE B 177 -14.79 -6.48 26.12
CA PHE B 177 -15.83 -5.46 26.15
C PHE B 177 -16.76 -5.67 24.98
N ASP B 178 -18.06 -5.70 25.24
CA ASP B 178 -19.06 -5.89 24.20
C ASP B 178 -19.23 -4.57 23.47
N ILE B 179 -18.62 -4.44 22.29
CA ILE B 179 -18.63 -3.15 21.62
C ILE B 179 -20.01 -2.76 21.14
N ARG B 180 -20.97 -3.71 21.12
CA ARG B 180 -22.36 -3.33 20.87
C ARG B 180 -22.89 -2.32 21.89
N GLU B 181 -22.24 -2.18 23.05
CA GLU B 181 -22.65 -1.13 23.98
C GLU B 181 -22.31 0.25 23.48
N LEU B 182 -21.49 0.35 22.43
CA LEU B 182 -21.15 1.63 21.84
C LEU B 182 -22.23 1.97 20.82
N THR B 183 -23.08 2.93 21.16
CA THR B 183 -24.16 3.38 20.30
C THR B 183 -24.14 4.90 20.25
N PRO B 184 -24.71 5.51 19.20
CA PRO B 184 -25.36 4.83 18.07
C PRO B 184 -24.35 4.32 17.04
N LYS B 185 -24.81 3.78 15.92
CA LYS B 185 -23.90 3.29 14.90
C LYS B 185 -23.10 4.46 14.30
N PHE B 186 -21.85 4.21 13.97
CA PHE B 186 -20.92 5.29 13.65
C PHE B 186 -20.82 5.53 12.15
N ASP B 187 -20.62 6.81 11.81
CA ASP B 187 -20.36 7.20 10.43
C ASP B 187 -18.90 6.95 10.04
N VAL B 188 -17.97 7.12 10.98
CA VAL B 188 -16.54 6.90 10.75
C VAL B 188 -15.98 6.12 11.92
N ILE B 189 -15.14 5.13 11.62
CA ILE B 189 -14.41 4.42 12.65
C ILE B 189 -12.93 4.49 12.32
N LEU B 190 -12.13 4.93 13.29
CA LEU B 190 -10.67 4.93 13.19
C LEU B 190 -10.16 3.86 14.12
N LEU B 191 -9.41 2.92 13.58
CA LEU B 191 -9.10 1.70 14.32
C LEU B 191 -7.58 1.58 14.36
N GLU B 192 -7.02 1.58 15.56
CA GLU B 192 -5.56 1.74 15.74
C GLU B 192 -5.02 0.66 16.69
N PRO B 193 -5.24 -0.61 16.35
CA PRO B 193 -4.83 -1.69 17.25
C PRO B 193 -3.33 -1.66 17.47
N PRO B 194 -2.87 -1.84 18.70
CA PRO B 194 -1.42 -1.79 18.97
C PRO B 194 -0.72 -3.06 18.45
N LEU B 195 -0.13 -2.97 17.26
CA LEU B 195 0.58 -4.11 16.69
C LEU B 195 1.95 -4.27 17.34
N GLU B 196 2.38 -5.55 17.45
CA GLU B 196 3.70 -5.87 17.99
C GLU B 196 4.80 -5.14 17.23
N GLU B 197 4.70 -5.04 15.90
CA GLU B 197 5.74 -4.38 15.12
C GLU B 197 5.96 -2.93 15.53
N TYR B 198 5.01 -2.30 16.22
CA TYR B 198 5.20 -0.92 16.66
C TYR B 198 6.24 -0.80 17.77
N TYR B 199 6.61 -1.90 18.43
CA TYR B 199 7.51 -1.88 19.58
C TYR B 199 8.80 -2.62 19.23
N ARG B 200 9.92 -1.90 19.22
CA ARG B 200 11.25 -2.48 19.04
C ARG B 200 12.34 -1.43 19.28
N LYS B 209 -0.41 -4.76 26.35
CA LYS B 209 -0.88 -5.90 25.56
C LYS B 209 -0.96 -5.55 24.07
N CYS B 210 -0.13 -6.22 23.26
CA CYS B 210 -0.19 -6.07 21.82
C CYS B 210 -1.32 -6.93 21.23
N TRP B 211 -1.81 -6.50 20.07
CA TRP B 211 -2.92 -7.16 19.38
C TRP B 211 -2.37 -7.82 18.12
N THR B 212 -2.74 -9.08 17.91
CA THR B 212 -2.42 -9.77 16.66
C THR B 212 -3.55 -9.57 15.65
N TRP B 213 -3.26 -9.87 14.38
CA TRP B 213 -4.33 -9.80 13.39
C TRP B 213 -5.41 -10.84 13.67
N ASP B 214 -5.08 -11.92 14.38
CA ASP B 214 -6.08 -12.86 14.87
C ASP B 214 -7.09 -12.17 15.79
N ASP B 215 -6.58 -11.44 16.78
CA ASP B 215 -7.42 -10.66 17.69
C ASP B 215 -8.25 -9.64 16.92
N ILE B 216 -7.59 -8.85 16.06
CA ILE B 216 -8.27 -7.73 15.40
C ILE B 216 -9.38 -8.25 14.50
N MET B 217 -9.09 -9.32 13.75
CA MET B 217 -10.06 -9.85 12.79
C MET B 217 -11.34 -10.30 13.49
N LYS B 218 -11.27 -10.62 14.77
CA LYS B 218 -12.42 -11.12 15.51
C LYS B 218 -13.19 -10.01 16.19
N LEU B 219 -12.75 -8.76 16.07
CA LEU B 219 -13.59 -7.64 16.50
C LEU B 219 -14.87 -7.59 15.67
N GLU B 220 -15.98 -7.30 16.32
CA GLU B 220 -17.26 -7.30 15.60
C GLU B 220 -17.61 -5.90 15.10
N ILE B 221 -16.75 -5.38 14.22
CA ILE B 221 -16.86 -3.99 13.79
C ILE B 221 -18.13 -3.76 13.00
N ASP B 222 -18.61 -4.75 12.24
CA ASP B 222 -19.84 -4.59 11.49
C ASP B 222 -21.05 -4.36 12.39
N GLU B 223 -20.99 -4.77 13.66
CA GLU B 223 -22.13 -4.58 14.57
C GLU B 223 -22.30 -3.14 15.01
N ILE B 224 -21.30 -2.29 14.82
CA ILE B 224 -21.38 -0.90 15.25
C ILE B 224 -21.22 0.10 14.11
N ALA B 225 -20.96 -0.36 12.89
CA ALA B 225 -20.83 0.57 11.79
C ALA B 225 -22.21 0.89 11.22
N ALA B 226 -22.41 2.14 10.83
CA ALA B 226 -23.69 2.47 10.20
C ALA B 226 -23.74 1.85 8.82
N PRO B 227 -24.95 1.55 8.31
CA PRO B 227 -25.06 0.90 6.99
C PRO B 227 -24.27 1.59 5.91
N ARG B 228 -24.25 2.92 5.92
CA ARG B 228 -23.33 3.70 5.11
C ARG B 228 -22.31 4.32 6.04
N SER B 229 -21.05 3.94 5.89
CA SER B 229 -20.04 4.42 6.82
C SER B 229 -18.64 4.11 6.28
N PHE B 230 -17.65 4.60 7.01
CA PHE B 230 -16.26 4.59 6.61
C PHE B 230 -15.39 4.00 7.71
N ILE B 231 -14.27 3.42 7.32
CA ILE B 231 -13.32 2.92 8.28
C ILE B 231 -11.92 3.34 7.83
N PHE B 232 -11.08 3.66 8.81
CA PHE B 232 -9.69 4.00 8.59
C PHE B 232 -8.89 3.08 9.50
N LEU B 233 -8.18 2.13 8.90
CA LEU B 233 -7.49 1.08 9.65
C LEU B 233 -5.99 1.23 9.48
N TRP B 234 -5.28 1.49 10.59
CA TRP B 234 -3.82 1.51 10.59
C TRP B 234 -3.30 0.07 10.52
N CYS B 235 -2.53 -0.25 9.48
CA CYS B 235 -2.14 -1.63 9.20
C CYS B 235 -0.64 -1.89 9.35
N GLY B 236 0.15 -0.88 9.68
CA GLY B 236 1.57 -1.07 9.84
C GLY B 236 2.25 -1.13 8.48
N SER B 237 3.23 -2.02 8.34
CA SER B 237 3.99 -2.13 7.10
C SER B 237 4.31 -3.58 6.74
N GLY B 238 3.77 -4.55 7.47
CA GLY B 238 4.09 -5.96 7.27
C GLY B 238 2.88 -6.72 6.79
N GLU B 239 2.60 -7.87 7.42
CA GLU B 239 1.45 -8.70 7.04
C GLU B 239 0.12 -7.98 7.19
N GLY B 240 0.08 -6.92 8.01
CA GLY B 240 -1.15 -6.14 8.13
C GLY B 240 -1.65 -5.57 6.81
N LEU B 241 -0.76 -5.30 5.85
CA LEU B 241 -1.27 -4.78 4.57
C LEU B 241 -2.17 -5.80 3.88
N ASP B 242 -1.97 -7.07 4.17
CA ASP B 242 -2.79 -8.14 3.64
C ASP B 242 -3.95 -8.46 4.58
N LEU B 243 -3.63 -8.73 5.85
CA LEU B 243 -4.65 -9.10 6.83
C LEU B 243 -5.62 -7.95 7.10
N GLY B 244 -5.14 -6.70 7.02
CA GLY B 244 -6.07 -5.57 7.16
C GLY B 244 -7.10 -5.51 6.06
N ARG B 245 -6.73 -5.92 4.85
CA ARG B 245 -7.71 -5.99 3.78
C ARG B 245 -8.70 -7.14 4.00
N VAL B 246 -8.24 -8.27 4.51
CA VAL B 246 -9.18 -9.33 4.89
C VAL B 246 -10.17 -8.81 5.94
N CYS B 247 -9.68 -8.05 6.91
CA CYS B 247 -10.55 -7.46 7.93
C CYS B 247 -11.61 -6.58 7.31
N LEU B 248 -11.18 -5.63 6.46
CA LEU B 248 -12.15 -4.72 5.83
C LEU B 248 -13.25 -5.50 5.13
N ARG B 249 -12.87 -6.51 4.34
CA ARG B 249 -13.87 -7.30 3.62
C ARG B 249 -14.70 -8.11 4.61
N LYS B 250 -14.09 -8.61 5.69
CA LYS B 250 -14.87 -9.37 6.66
C LYS B 250 -15.95 -8.51 7.29
N TRP B 251 -15.67 -7.22 7.50
CA TRP B 251 -16.61 -6.32 8.15
C TRP B 251 -17.54 -5.66 7.16
N GLY B 252 -17.41 -6.00 5.88
CA GLY B 252 -18.33 -5.48 4.89
C GLY B 252 -17.90 -4.22 4.18
N TYR B 253 -16.63 -3.83 4.26
CA TYR B 253 -16.15 -2.67 3.52
C TYR B 253 -15.42 -3.09 2.26
N ARG B 254 -15.34 -2.15 1.32
CA ARG B 254 -14.37 -2.21 0.23
C ARG B 254 -13.35 -1.09 0.43
N ARG B 255 -12.11 -1.35 0.08
CA ARG B 255 -11.05 -0.34 0.26
C ARG B 255 -11.16 0.67 -0.88
N CYS B 256 -11.27 1.96 -0.53
CA CYS B 256 -11.26 2.99 -1.56
C CYS B 256 -9.99 3.83 -1.59
N GLU B 257 -9.20 3.85 -0.51
CA GLU B 257 -7.93 4.56 -0.52
C GLU B 257 -6.91 3.80 0.30
N ASP B 258 -5.63 4.07 0.01
CA ASP B 258 -4.50 3.52 0.75
C ASP B 258 -3.67 4.74 1.12
N ILE B 259 -3.80 5.20 2.37
CA ILE B 259 -3.07 6.39 2.84
C ILE B 259 -1.74 5.94 3.43
N CYS B 260 -0.65 6.49 2.92
N CYS B 260 -0.63 6.48 2.90
CA CYS B 260 0.69 6.09 3.33
CA CYS B 260 0.71 6.10 3.33
C CYS B 260 1.33 7.19 4.17
C CYS B 260 1.33 7.20 4.19
N TRP B 261 1.72 6.82 5.40
CA TRP B 261 2.49 7.69 6.28
C TRP B 261 3.96 7.41 6.01
N ILE B 262 4.63 8.35 5.38
CA ILE B 262 6.02 8.22 4.96
C ILE B 262 6.90 8.95 5.96
N LYS B 263 7.87 8.24 6.52
CA LYS B 263 8.66 8.75 7.65
C LYS B 263 10.04 9.20 7.19
N THR B 264 10.33 10.50 7.34
CA THR B 264 11.64 11.01 7.02
C THR B 264 12.62 10.75 8.17
N ASN B 265 13.91 10.72 7.86
CA ASN B 265 14.93 10.57 8.90
C ASN B 265 15.96 11.69 8.80
N LYS B 266 15.48 12.92 8.60
CA LYS B 266 16.37 14.08 8.49
C LYS B 266 17.24 14.28 9.72
N ASN B 267 16.84 13.77 10.88
CA ASN B 267 17.57 13.98 12.13
C ASN B 267 18.45 12.80 12.53
N ASN B 268 18.33 11.66 11.86
CA ASN B 268 19.20 10.53 12.17
C ASN B 268 19.51 9.69 10.94
N PRO B 269 20.14 10.25 9.89
CA PRO B 269 20.52 9.48 8.69
C PRO B 269 21.30 8.21 8.98
N LEU B 275 13.90 -4.92 11.64
CA LEU B 275 14.20 -5.61 10.39
C LEU B 275 13.53 -6.99 10.35
N ASP B 276 12.25 -7.00 9.96
CA ASP B 276 11.48 -8.22 9.79
C ASP B 276 12.28 -9.22 8.95
N PRO B 277 12.34 -10.49 9.36
CA PRO B 277 13.14 -11.47 8.59
C PRO B 277 12.68 -11.67 7.17
N LYS B 278 11.39 -11.46 6.90
CA LYS B 278 10.89 -11.55 5.53
C LYS B 278 11.18 -10.30 4.71
N ALA B 279 11.60 -9.21 5.35
CA ALA B 279 11.72 -7.94 4.64
C ALA B 279 12.81 -7.99 3.57
N VAL B 280 12.48 -7.42 2.41
CA VAL B 280 13.43 -7.26 1.34
C VAL B 280 14.08 -5.88 1.41
N PHE B 281 13.33 -4.88 1.86
CA PHE B 281 13.79 -3.52 1.89
C PHE B 281 13.63 -2.98 3.30
N GLN B 282 14.34 -1.90 3.60
CA GLN B 282 14.11 -1.18 4.83
C GLN B 282 12.73 -0.54 4.78
N ARG B 283 11.97 -0.72 5.85
CA ARG B 283 10.57 -0.28 5.87
C ARG B 283 10.49 1.09 6.50
N THR B 284 10.03 2.06 5.72
CA THR B 284 10.09 3.45 6.17
C THR B 284 8.74 4.15 6.11
N LYS B 285 7.65 3.38 6.14
CA LYS B 285 6.34 3.97 6.06
C LYS B 285 5.31 3.04 6.72
N GLU B 286 4.13 3.60 6.99
CA GLU B 286 2.99 2.84 7.50
C GLU B 286 1.79 3.14 6.63
N HIS B 287 0.85 2.18 6.59
CA HIS B 287 -0.36 2.33 5.77
C HIS B 287 -1.61 2.42 6.64
N CYS B 288 -2.49 3.34 6.28
CA CYS B 288 -3.84 3.47 6.85
C CYS B 288 -4.82 3.23 5.71
N LEU B 289 -5.53 2.10 5.75
CA LEU B 289 -6.47 1.75 4.68
C LEU B 289 -7.84 2.35 4.97
N MET B 290 -8.41 2.99 3.96
CA MET B 290 -9.74 3.58 4.04
C MET B 290 -10.77 2.67 3.36
N GLY B 291 -11.78 2.26 4.10
CA GLY B 291 -12.83 1.41 3.59
C GLY B 291 -14.18 2.12 3.65
N ILE B 292 -15.04 1.79 2.70
CA ILE B 292 -16.38 2.37 2.62
C ILE B 292 -17.39 1.23 2.62
N LYS B 293 -18.52 1.43 3.27
CA LYS B 293 -19.61 0.47 3.15
C LYS B 293 -20.89 1.25 2.89
N GLY B 294 -21.76 0.66 2.08
CA GLY B 294 -22.95 1.34 1.62
C GLY B 294 -22.71 2.04 0.30
N THR B 295 -23.65 2.91 -0.06
CA THR B 295 -23.50 3.67 -1.29
C THR B 295 -22.46 4.77 -1.15
N VAL B 309 -9.69 17.59 -1.45
CA VAL B 309 -8.60 18.56 -1.30
C VAL B 309 -7.29 17.91 -0.84
N ASP B 310 -7.38 16.75 -0.19
CA ASP B 310 -6.24 16.09 0.43
C ASP B 310 -5.63 15.04 -0.50
N ILE B 311 -4.40 14.64 -0.17
CA ILE B 311 -3.65 13.64 -0.92
C ILE B 311 -3.44 12.41 -0.01
N ASP B 312 -3.19 11.26 -0.64
CA ASP B 312 -3.06 10.02 0.11
C ASP B 312 -1.67 9.79 0.70
N LEU B 313 -1.00 10.86 1.14
CA LEU B 313 0.34 10.78 1.69
C LEU B 313 0.41 11.69 2.90
N ILE B 314 0.98 11.18 3.98
CA ILE B 314 1.35 11.99 5.14
C ILE B 314 2.85 11.84 5.31
N ILE B 315 3.56 12.97 5.44
CA ILE B 315 5.02 12.98 5.50
C ILE B 315 5.43 13.72 6.76
N THR B 316 6.02 12.99 7.70
CA THR B 316 6.58 13.58 8.91
C THR B 316 7.87 12.86 9.23
N GLU B 317 8.60 13.41 10.20
CA GLU B 317 9.83 12.77 10.66
C GLU B 317 9.50 11.54 11.51
N GLU B 318 10.32 10.51 11.36
CA GLU B 318 10.12 9.30 12.15
C GLU B 318 10.15 9.62 13.64
N PRO B 319 9.19 9.17 14.43
CA PRO B 319 9.18 9.53 15.85
C PRO B 319 10.26 8.81 16.63
N GLU B 320 10.53 9.32 17.83
CA GLU B 320 11.49 8.69 18.72
C GLU B 320 11.04 7.28 19.05
N ILE B 321 12.01 6.43 19.38
CA ILE B 321 11.70 5.05 19.70
C ILE B 321 10.69 5.00 20.85
N GLY B 322 9.82 3.99 20.83
CA GLY B 322 8.78 3.86 21.83
C GLY B 322 7.63 4.84 21.70
N ASN B 323 7.73 5.84 20.82
CA ASN B 323 6.58 6.69 20.53
C ASN B 323 5.75 5.98 19.46
N ILE B 324 4.53 5.56 19.82
CA ILE B 324 3.68 4.83 18.89
C ILE B 324 2.59 5.70 18.30
N GLU B 325 2.57 7.00 18.59
CA GLU B 325 1.51 7.85 18.09
C GLU B 325 1.54 7.92 16.55
N LYS B 326 0.35 7.97 15.95
CA LYS B 326 0.24 8.19 14.53
C LYS B 326 0.09 9.68 14.28
N PRO B 327 0.42 10.17 13.10
CA PRO B 327 0.30 11.61 12.82
C PRO B 327 -1.12 12.12 12.94
N VAL B 328 -1.29 13.20 13.71
CA VAL B 328 -2.57 13.86 13.91
C VAL B 328 -3.18 14.26 12.57
N GLU B 329 -2.34 14.42 11.54
CA GLU B 329 -2.85 14.75 10.20
C GLU B 329 -3.91 13.77 9.71
N ILE B 330 -3.88 12.51 10.18
CA ILE B 330 -4.91 11.58 9.73
C ILE B 330 -6.29 12.09 10.14
N PHE B 331 -6.39 12.74 11.30
CA PHE B 331 -7.66 13.33 11.72
C PHE B 331 -8.09 14.42 10.75
N HIS B 332 -7.14 15.23 10.29
CA HIS B 332 -7.48 16.31 9.35
C HIS B 332 -8.06 15.73 8.07
N ILE B 333 -7.39 14.73 7.50
CA ILE B 333 -7.92 14.06 6.31
C ILE B 333 -9.33 13.52 6.55
N ILE B 334 -9.51 12.77 7.64
CA ILE B 334 -10.82 12.19 7.89
C ILE B 334 -11.90 13.27 8.00
N GLU B 335 -11.64 14.29 8.82
CA GLU B 335 -12.67 15.31 9.07
C GLU B 335 -12.96 16.16 7.83
N HIS B 336 -11.98 16.33 6.93
CA HIS B 336 -12.23 17.07 5.69
C HIS B 336 -13.13 16.32 4.72
N PHE B 337 -13.30 15.01 4.91
CA PHE B 337 -14.24 14.26 4.07
C PHE B 337 -15.70 14.61 4.35
N CYS B 338 -16.03 15.18 5.50
CA CYS B 338 -17.42 15.51 5.85
C CYS B 338 -18.33 14.30 5.75
N LEU B 339 -18.01 13.27 6.53
CA LEU B 339 -18.68 11.98 6.44
C LEU B 339 -19.82 11.81 7.44
N GLY B 340 -20.11 12.81 8.25
CA GLY B 340 -21.00 12.65 9.38
C GLY B 340 -20.26 12.88 10.68
N ARG B 341 -21.04 12.95 11.75
CA ARG B 341 -20.53 13.43 13.02
C ARG B 341 -20.33 12.34 14.06
N ARG B 342 -20.78 11.11 13.81
CA ARG B 342 -20.57 10.02 14.75
C ARG B 342 -19.22 9.40 14.43
N ARG B 343 -18.20 9.71 15.23
CA ARG B 343 -16.82 9.36 14.90
C ARG B 343 -16.23 8.62 16.07
N LEU B 344 -15.75 7.40 15.81
CA LEU B 344 -15.26 6.52 16.86
C LEU B 344 -13.78 6.23 16.63
N HIS B 345 -12.97 6.39 17.68
CA HIS B 345 -11.56 6.07 17.60
C HIS B 345 -11.29 4.92 18.55
N LEU B 346 -11.09 3.72 18.01
CA LEU B 346 -10.83 2.57 18.84
C LEU B 346 -9.35 2.41 19.06
N PHE B 347 -8.95 2.17 20.32
CA PHE B 347 -7.56 2.12 20.78
C PHE B 347 -6.92 3.51 20.78
N GLY B 348 -7.71 4.57 20.92
CA GLY B 348 -7.17 5.88 21.18
C GLY B 348 -6.63 5.97 22.60
N ARG B 349 -6.05 7.12 22.93
CA ARG B 349 -5.35 7.28 24.21
C ARG B 349 -5.76 8.64 24.80
N ASP B 350 -5.37 8.89 26.07
CA ASP B 350 -5.60 10.23 26.62
C ASP B 350 -5.08 11.29 25.65
N SER B 351 -3.92 11.03 25.05
CA SER B 351 -3.25 11.95 24.14
C SER B 351 -3.95 12.13 22.79
N THR B 352 -4.88 11.27 22.41
CA THR B 352 -5.52 11.45 21.11
C THR B 352 -6.93 12.02 21.23
N ILE B 353 -7.42 12.21 22.45
CA ILE B 353 -8.80 12.67 22.61
C ILE B 353 -8.98 14.01 21.92
N ARG B 354 -10.17 14.20 21.32
CA ARG B 354 -10.29 15.26 20.34
C ARG B 354 -11.74 15.64 20.18
N PRO B 355 -12.06 16.93 20.03
CA PRO B 355 -13.47 17.31 19.79
C PRO B 355 -13.98 16.64 18.54
N GLY B 356 -15.24 16.23 18.59
CA GLY B 356 -15.85 15.55 17.47
C GLY B 356 -15.67 14.05 17.45
N TRP B 357 -14.99 13.49 18.44
CA TRP B 357 -14.66 12.07 18.43
C TRP B 357 -15.07 11.45 19.76
N LEU B 358 -15.54 10.21 19.67
CA LEU B 358 -15.60 9.32 20.83
C LEU B 358 -14.37 8.41 20.79
N THR B 359 -13.58 8.44 21.86
CA THR B 359 -12.35 7.69 21.95
C THR B 359 -12.53 6.55 22.94
N VAL B 360 -12.24 5.31 22.52
CA VAL B 360 -12.38 4.15 23.38
C VAL B 360 -11.08 3.37 23.38
N GLY B 361 -10.54 3.08 24.56
CA GLY B 361 -9.31 2.34 24.62
C GLY B 361 -8.92 1.95 26.02
N PRO B 362 -8.05 0.95 26.14
CA PRO B 362 -7.73 0.40 27.46
C PRO B 362 -6.92 1.33 28.36
N THR B 363 -6.09 2.21 27.81
CA THR B 363 -5.19 3.01 28.64
C THR B 363 -5.79 4.35 29.07
N LEU B 364 -7.02 4.67 28.68
CA LEU B 364 -7.61 5.93 29.11
C LEU B 364 -7.67 5.97 30.63
N THR B 365 -7.32 7.12 31.20
CA THR B 365 -7.34 7.26 32.66
C THR B 365 -8.71 7.69 33.18
N ASN B 366 -9.53 8.30 32.34
CA ASN B 366 -10.83 8.83 32.73
C ASN B 366 -11.84 8.51 31.64
N SER B 367 -13.13 8.44 32.04
CA SER B 367 -14.24 8.35 31.08
C SER B 367 -15.26 9.44 31.36
N ASN B 368 -15.96 9.85 30.30
CA ASN B 368 -17.16 10.67 30.43
C ASN B 368 -18.27 10.14 29.52
N TYR B 369 -18.11 8.94 28.95
CA TYR B 369 -19.05 8.45 27.96
C TYR B 369 -20.37 8.08 28.63
N ASN B 370 -21.46 8.60 28.07
CA ASN B 370 -22.82 8.16 28.42
C ASN B 370 -23.59 7.98 27.12
N ALA B 371 -24.11 6.78 26.90
CA ALA B 371 -24.70 6.47 25.59
C ALA B 371 -25.88 7.36 25.28
N GLU B 372 -26.71 7.66 26.27
CA GLU B 372 -27.86 8.51 26.02
C GLU B 372 -27.43 9.95 25.75
N THR B 373 -26.52 10.48 26.56
CA THR B 373 -25.95 11.79 26.27
C THR B 373 -25.32 11.83 24.87
N TYR B 374 -24.53 10.82 24.53
CA TYR B 374 -23.92 10.81 23.20
C TYR B 374 -24.97 10.82 22.10
N ALA B 375 -26.00 9.99 22.24
CA ALA B 375 -27.03 9.92 21.19
C ALA B 375 -27.78 11.24 21.06
N SER B 376 -27.95 11.96 22.18
CA SER B 376 -28.65 13.24 22.12
C SER B 376 -27.92 14.25 21.24
N TYR B 377 -26.62 14.07 20.96
CA TYR B 377 -25.94 14.99 20.05
C TYR B 377 -26.42 14.87 18.62
N PHE B 378 -26.97 13.72 18.24
CA PHE B 378 -27.36 13.47 16.87
C PHE B 378 -28.86 13.29 16.71
N SER B 379 -29.65 13.58 17.75
CA SER B 379 -31.10 13.52 17.63
C SER B 379 -31.60 14.68 16.80
N ALA B 380 -32.78 14.50 16.21
CA ALA B 380 -33.37 15.49 15.31
C ALA B 380 -33.35 16.87 15.97
N PRO B 381 -33.13 17.95 15.21
CA PRO B 381 -32.96 17.95 13.75
C PRO B 381 -31.54 17.64 13.21
N ASN B 382 -30.68 17.00 14.01
CA ASN B 382 -29.26 16.94 13.72
C ASN B 382 -28.78 15.57 13.24
N SER B 383 -29.71 14.67 12.84
CA SER B 383 -29.37 13.28 12.59
C SER B 383 -28.48 13.07 11.37
N TYR B 384 -28.46 14.02 10.42
CA TYR B 384 -27.88 13.78 9.11
C TYR B 384 -26.80 14.79 8.73
N LEU B 385 -26.34 15.61 9.66
CA LEU B 385 -25.32 16.60 9.33
C LEU B 385 -24.05 15.89 8.90
N THR B 386 -23.36 16.48 7.92
CA THR B 386 -22.06 15.99 7.47
C THR B 386 -20.92 16.39 8.40
N GLY B 387 -21.15 17.33 9.32
CA GLY B 387 -20.07 17.87 10.11
C GLY B 387 -19.29 18.99 9.44
N CYS B 388 -19.73 19.44 8.27
CA CYS B 388 -19.08 20.56 7.58
C CYS B 388 -20.05 21.69 7.26
N THR B 389 -21.17 21.78 7.99
CA THR B 389 -22.18 22.80 7.72
C THR B 389 -22.53 23.52 9.01
N GLU B 390 -23.25 24.62 8.87
CA GLU B 390 -23.69 25.40 10.02
C GLU B 390 -24.68 24.61 10.86
N GLU B 391 -24.57 24.74 12.17
CA GLU B 391 -25.43 23.97 13.09
C GLU B 391 -26.88 24.43 13.03
#